data_8JOJ
#
_entry.id   8JOJ
#
_cell.length_a   119.603
_cell.length_b   119.603
_cell.length_c   117.304
_cell.angle_alpha   90.000
_cell.angle_beta   90.000
_cell.angle_gamma   120.000
#
_symmetry.space_group_name_H-M   'P 31 1 2'
#
loop_
_entity.id
_entity.type
_entity.pdbx_description
1 polymer '3-ketosteroid dehydrogenase'
2 non-polymer 'FLAVIN-ADENINE DINUCLEOTIDE'
3 non-polymer '9,11-epoxy-17-hydroxypregn-4-ene-3,20-dione actate'
#
_entity_poly.entity_id   1
_entity_poly.type   'polypeptide(L)'
_entity_poly.pdbx_seq_one_letter_code
;HHHHSQLENLYFQGSDWTSECDVLVVGSGGGALTGAYTAAAQGLTTIVLEKTDRFGGTSAYSGASIWLPGTQVQERAGLP
DSTENARTYLRALLGDAESERQDAYVETAPAVVALLEQNPNIEFEFRAFPDYYKAEGRMDTGRSINPLDLDPADIGDLAG
KVRPELDQDRTGQDHAPGPMIGGRALIGRLLAAVQSTGKAELRTESVLTSLIVEDGRVVGAEVESGGETQRIKANRGVLM
AAGGIEGNAEMREQAGTPGKAIWSMGPFGANTGDAISAGIAVGGATALLDQAWFCPGVEQPDGSAAFMVGVRGGLVVDSA
GERYLNESLPYDQFGRAMDAHDDNGSAVPSFMIFDSREGGGLPAICIPNTAPAKHLEAGTWVGADTLEELAAKTGLPADA
LRSTVEKFNDAAKLGVDEEFHRGEDPYDAFFCPPNGGANAALTAIENGPFYAARIVLSDLGTKGGLVTDVNGRVLRADGS
AIDGLYAAGNTSASLSGRFYPGPGVPLGTAMVFSYRAAQDMAK
;
_entity_poly.pdbx_strand_id   A
#
# COMPACT_ATOMS: atom_id res chain seq x y z
N HIS A 1 21.80 -9.68 10.01
CA HIS A 1 20.87 -9.39 11.15
C HIS A 1 19.69 -10.39 11.11
N HIS A 2 19.44 -11.09 12.22
CA HIS A 2 18.10 -11.59 12.67
C HIS A 2 17.71 -10.71 13.87
N HIS A 3 16.47 -10.74 14.35
CA HIS A 3 15.89 -9.60 15.14
C HIS A 3 15.69 -9.99 16.60
N HIS A 4 16.57 -10.87 17.08
CA HIS A 4 16.56 -11.45 18.44
C HIS A 4 16.54 -10.32 19.46
N SER A 5 15.75 -10.46 20.53
CA SER A 5 15.65 -9.47 21.63
C SER A 5 16.86 -9.58 22.57
N GLN A 6 17.40 -8.44 23.01
CA GLN A 6 18.42 -8.36 24.09
C GLN A 6 17.69 -8.10 25.42
N LEU A 7 18.17 -8.68 26.53
CA LEU A 7 17.84 -8.19 27.91
C LEU A 7 18.85 -7.08 28.19
N GLU A 8 18.48 -6.12 29.01
CA GLU A 8 19.33 -4.92 29.22
C GLU A 8 20.48 -5.31 30.15
N ASN A 9 20.20 -6.18 31.13
CA ASN A 9 21.19 -6.77 32.08
C ASN A 9 22.32 -7.41 31.27
N LEU A 10 21.96 -8.15 30.22
CA LEU A 10 22.91 -8.86 29.33
C LEU A 10 23.82 -7.82 28.67
N TYR A 11 23.24 -6.77 28.09
CA TYR A 11 23.98 -5.72 27.36
C TYR A 11 24.76 -4.90 28.42
N PHE A 12 24.18 -4.77 29.62
CA PHE A 12 24.86 -4.06 30.74
C PHE A 12 26.16 -4.81 31.06
N GLN A 13 26.39 -5.95 30.42
CA GLN A 13 27.67 -6.67 30.59
C GLN A 13 28.61 -6.18 29.50
N GLY A 14 29.02 -4.91 29.58
CA GLY A 14 29.92 -4.29 28.58
C GLY A 14 29.45 -2.93 28.08
N SER A 15 28.22 -2.83 27.59
CA SER A 15 27.75 -1.58 26.92
C SER A 15 26.79 -0.72 27.76
N ASP A 16 26.34 0.38 27.16
CA ASP A 16 25.41 1.38 27.77
C ASP A 16 24.73 2.16 26.65
N TRP A 17 23.61 2.82 26.96
CA TRP A 17 22.78 3.63 26.03
C TRP A 17 23.66 4.61 25.26
N THR A 18 23.56 4.62 23.92
CA THR A 18 24.34 5.55 23.07
C THR A 18 23.49 6.79 22.78
N SER A 19 22.19 6.72 23.09
CA SER A 19 21.25 7.85 22.87
C SER A 19 20.02 7.68 23.77
N GLU A 20 19.06 8.60 23.68
CA GLU A 20 17.83 8.53 24.51
C GLU A 20 16.75 9.44 23.91
N CYS A 21 15.47 9.08 24.09
CA CYS A 21 14.33 9.87 23.57
C CYS A 21 13.04 9.40 24.26
N ASP A 22 11.98 10.21 24.22
CA ASP A 22 10.69 9.80 24.83
C ASP A 22 10.04 8.77 23.91
N VAL A 23 9.99 9.07 22.60
CA VAL A 23 9.31 8.24 21.56
C VAL A 23 10.33 7.90 20.46
N LEU A 24 10.63 6.61 20.33
CA LEU A 24 11.41 6.08 19.18
C LEU A 24 10.42 5.57 18.15
N VAL A 25 10.52 6.05 16.91
CA VAL A 25 9.69 5.62 15.76
C VAL A 25 10.60 4.92 14.75
N VAL A 26 10.31 3.66 14.45
CA VAL A 26 11.07 2.88 13.43
C VAL A 26 10.26 2.96 12.14
N GLY A 27 10.88 3.48 11.07
CA GLY A 27 10.24 3.70 9.75
C GLY A 27 9.92 5.17 9.49
N SER A 28 9.63 5.52 8.24
CA SER A 28 9.35 6.91 7.79
C SER A 28 8.24 6.94 6.72
N GLY A 29 7.28 6.02 6.83
CA GLY A 29 6.04 6.01 6.03
C GLY A 29 5.01 7.00 6.58
N GLY A 30 3.83 7.02 5.98
CA GLY A 30 2.73 7.90 6.42
C GLY A 30 2.51 7.79 7.92
N GLY A 31 2.25 6.57 8.39
CA GLY A 31 2.05 6.27 9.82
C GLY A 31 3.23 6.71 10.68
N ALA A 32 4.41 6.16 10.42
CA ALA A 32 5.63 6.46 11.21
C ALA A 32 5.68 7.97 11.49
N LEU A 33 5.68 8.79 10.43
CA LEU A 33 5.87 10.25 10.54
C LEU A 33 4.66 10.89 11.22
N THR A 34 3.46 10.32 11.04
CA THR A 34 2.23 10.86 11.67
C THR A 34 2.34 10.64 13.18
N GLY A 35 2.80 9.45 13.60
CA GLY A 35 3.06 9.14 15.02
C GLY A 35 4.20 9.97 15.59
N ALA A 36 5.27 10.17 14.81
CA ALA A 36 6.40 11.04 15.16
C ALA A 36 5.88 12.46 15.38
N TYR A 37 5.07 12.99 14.45
CA TYR A 37 4.49 14.35 14.60
C TYR A 37 3.61 14.39 15.86
N THR A 38 2.75 13.40 16.06
CA THR A 38 1.77 13.45 17.17
C THR A 38 2.56 13.60 18.47
N ALA A 39 3.65 12.84 18.60
CA ALA A 39 4.52 12.83 19.78
C ALA A 39 5.30 14.16 19.92
N ALA A 40 6.06 14.58 18.92
CA ALA A 40 6.91 15.79 18.94
C ALA A 40 6.08 17.08 19.15
N ALA A 41 4.86 17.15 18.60
CA ALA A 41 4.06 18.39 18.59
C ALA A 41 3.64 18.75 20.02
N GLN A 42 3.52 17.75 20.90
CA GLN A 42 3.04 17.90 22.31
C GLN A 42 4.23 17.71 23.29
N GLY A 43 5.46 17.87 22.81
CA GLY A 43 6.65 18.07 23.67
C GLY A 43 7.54 16.84 23.89
N LEU A 44 7.17 15.64 23.41
CA LEU A 44 8.00 14.43 23.61
C LEU A 44 9.14 14.37 22.60
N THR A 45 10.39 14.26 23.07
CA THR A 45 11.59 14.11 22.22
C THR A 45 11.37 12.85 21.37
N THR A 46 11.57 12.98 20.06
CA THR A 46 11.28 11.89 19.10
C THR A 46 12.52 11.66 18.23
N ILE A 47 12.84 10.38 17.99
CA ILE A 47 13.84 9.95 16.98
C ILE A 47 13.15 8.99 16.02
N VAL A 48 13.25 9.32 14.72
CA VAL A 48 12.70 8.54 13.57
C VAL A 48 13.89 7.83 12.89
N LEU A 49 13.77 6.52 12.68
CA LEU A 49 14.79 5.66 12.08
C LEU A 49 14.31 5.17 10.72
N GLU A 50 14.94 5.62 9.64
CA GLU A 50 14.69 5.10 8.28
C GLU A 50 15.87 4.23 7.87
N LYS A 51 15.58 2.96 7.58
CA LYS A 51 16.56 1.94 7.14
C LYS A 51 17.30 2.41 5.90
N THR A 52 16.61 2.83 4.85
CA THR A 52 17.26 3.21 3.57
C THR A 52 17.73 4.67 3.60
N ASP A 53 18.22 5.15 2.46
CA ASP A 53 18.79 6.52 2.34
C ASP A 53 17.67 7.48 1.93
N ARG A 54 16.40 7.05 1.95
CA ARG A 54 15.27 7.93 1.58
C ARG A 54 14.09 7.65 2.51
N PHE A 55 13.42 8.72 2.94
CA PHE A 55 12.20 8.68 3.79
C PHE A 55 11.00 8.37 2.88
N GLY A 56 9.99 7.67 3.44
CA GLY A 56 8.68 7.47 2.79
C GLY A 56 8.38 6.01 2.49
N GLY A 57 9.35 5.21 2.07
CA GLY A 57 9.05 3.83 1.64
C GLY A 57 7.90 3.79 0.66
N THR A 58 7.01 2.79 0.76
CA THR A 58 5.90 2.59 -0.20
C THR A 58 4.94 3.78 -0.10
N SER A 59 4.81 4.37 1.09
CA SER A 59 3.99 5.59 1.28
C SER A 59 4.42 6.67 0.29
N ALA A 60 5.71 6.87 0.04
CA ALA A 60 6.15 7.88 -0.95
C ALA A 60 5.68 7.48 -2.37
N TYR A 61 5.75 6.22 -2.71
CA TYR A 61 5.37 5.71 -4.06
C TYR A 61 3.87 5.95 -4.31
N SER A 62 3.10 6.04 -3.23
CA SER A 62 1.61 6.07 -3.26
C SER A 62 1.10 7.33 -3.95
N GLY A 63 -0.22 7.38 -4.13
CA GLY A 63 -0.94 8.53 -4.66
C GLY A 63 -1.52 9.32 -3.52
N ALA A 64 -1.28 8.88 -2.30
CA ALA A 64 -1.59 9.63 -1.06
C ALA A 64 -3.09 9.94 -1.00
N SER A 65 -3.92 9.11 -1.63
CA SER A 65 -5.34 9.02 -1.23
C SER A 65 -5.39 8.42 0.18
N ILE A 66 -6.11 9.08 1.10
CA ILE A 66 -6.17 8.72 2.54
C ILE A 66 -7.65 8.58 2.95
N TRP A 67 -8.04 7.40 3.45
CA TRP A 67 -9.40 7.08 3.96
C TRP A 67 -9.44 7.47 5.45
N LEU A 68 -9.58 8.77 5.72
CA LEU A 68 -9.91 9.35 7.04
C LEU A 68 -11.22 10.11 6.90
N PRO A 69 -12.38 9.46 7.13
CA PRO A 69 -13.68 10.10 6.91
C PRO A 69 -14.30 10.84 8.11
N GLY A 70 -15.14 11.82 7.80
CA GLY A 70 -15.96 12.58 8.76
C GLY A 70 -15.20 13.75 9.33
N THR A 71 -14.23 14.26 8.57
CA THR A 71 -13.27 15.26 9.06
C THR A 71 -13.65 16.64 8.51
N GLN A 72 -12.93 17.64 8.98
CA GLN A 72 -13.07 19.05 8.57
C GLN A 72 -12.75 19.17 7.07
N VAL A 73 -12.00 18.22 6.50
CA VAL A 73 -11.66 18.27 5.05
C VAL A 73 -12.91 17.96 4.23
N GLN A 74 -13.63 16.92 4.62
CA GLN A 74 -14.84 16.53 3.86
C GLN A 74 -15.89 17.64 4.03
N GLU A 75 -16.05 18.23 5.24
CA GLU A 75 -17.00 19.35 5.54
C GLU A 75 -16.74 20.54 4.60
N ARG A 76 -15.47 20.89 4.36
CA ARG A 76 -15.14 22.04 3.49
C ARG A 76 -15.65 21.79 2.07
N ALA A 77 -15.81 20.53 1.66
CA ALA A 77 -16.22 20.12 0.30
C ALA A 77 -17.74 19.95 0.26
N GLY A 78 -18.39 20.04 1.43
CA GLY A 78 -19.82 19.78 1.68
C GLY A 78 -20.22 18.35 1.34
N LEU A 79 -19.46 17.35 1.75
CA LEU A 79 -19.69 15.96 1.31
C LEU A 79 -20.88 15.37 2.05
N PRO A 80 -21.79 14.64 1.38
CA PRO A 80 -22.88 13.96 2.06
C PRO A 80 -22.32 12.68 2.69
N ASP A 81 -21.55 12.85 3.78
CA ASP A 81 -20.88 11.74 4.51
C ASP A 81 -20.71 12.12 5.98
N SER A 82 -20.42 11.14 6.82
CA SER A 82 -20.29 11.30 8.29
C SER A 82 -19.60 10.07 8.87
N THR A 83 -19.01 10.26 10.04
CA THR A 83 -18.32 9.20 10.82
C THR A 83 -19.23 7.98 10.83
N GLU A 84 -20.51 8.17 11.16
CA GLU A 84 -21.50 7.06 11.26
C GLU A 84 -21.73 6.40 9.88
N ASN A 85 -21.90 7.16 8.80
CA ASN A 85 -22.02 6.56 7.44
C ASN A 85 -20.81 5.63 7.20
N ALA A 86 -19.58 6.11 7.40
CA ALA A 86 -18.32 5.34 7.22
C ALA A 86 -18.30 4.07 8.09
N ARG A 87 -18.70 4.17 9.36
CA ARG A 87 -18.75 3.00 10.29
C ARG A 87 -19.61 1.89 9.66
N THR A 88 -20.76 2.26 9.12
CA THR A 88 -21.74 1.33 8.48
C THR A 88 -21.08 0.56 7.34
N TYR A 89 -20.32 1.26 6.49
CA TYR A 89 -19.65 0.64 5.31
C TYR A 89 -18.66 -0.41 5.81
N LEU A 90 -17.91 -0.11 6.87
CA LEU A 90 -16.87 -1.04 7.38
C LEU A 90 -17.55 -2.26 8.01
N ARG A 91 -18.62 -2.03 8.76
CA ARG A 91 -19.36 -3.13 9.44
C ARG A 91 -19.98 -4.04 8.35
N ALA A 92 -20.53 -3.42 7.32
CA ALA A 92 -21.21 -4.15 6.22
C ALA A 92 -20.22 -5.02 5.46
N LEU A 93 -18.93 -4.75 5.61
CA LEU A 93 -17.91 -5.49 4.84
C LEU A 93 -17.13 -6.44 5.74
N LEU A 94 -16.65 -5.94 6.87
CA LEU A 94 -15.78 -6.75 7.75
C LEU A 94 -16.58 -7.52 8.80
N GLY A 95 -17.73 -7.01 9.22
CA GLY A 95 -18.51 -7.73 10.24
C GLY A 95 -18.13 -7.24 11.61
N ASP A 96 -18.45 -8.00 12.66
CA ASP A 96 -18.16 -7.57 14.05
C ASP A 96 -16.72 -7.93 14.41
N ALA A 97 -16.06 -8.74 13.60
CA ALA A 97 -14.65 -9.07 13.87
C ALA A 97 -13.86 -7.76 13.82
N GLU A 98 -13.09 -7.48 14.87
CA GLU A 98 -12.25 -6.25 14.99
C GLU A 98 -13.13 -5.00 14.97
N SER A 99 -14.31 -5.06 15.56
CA SER A 99 -15.25 -3.91 15.57
C SER A 99 -14.72 -2.76 16.43
N GLU A 100 -13.92 -3.06 17.44
CA GLU A 100 -13.39 -2.00 18.33
C GLU A 100 -12.38 -1.14 17.57
N ARG A 101 -11.57 -1.76 16.72
CA ARG A 101 -10.54 -1.06 15.90
C ARG A 101 -11.22 -0.34 14.73
N GLN A 102 -12.22 -0.98 14.13
CA GLN A 102 -13.18 -0.28 13.24
C GLN A 102 -13.61 1.01 13.94
N ASP A 103 -14.22 0.95 15.12
CA ASP A 103 -14.80 2.14 15.80
C ASP A 103 -13.72 3.21 15.93
N ALA A 104 -12.55 2.80 16.43
CA ALA A 104 -11.42 3.69 16.76
C ALA A 104 -10.91 4.39 15.50
N TYR A 105 -10.84 3.67 14.36
CA TYR A 105 -10.30 4.16 13.06
C TYR A 105 -11.13 5.36 12.56
N VAL A 106 -12.43 5.14 12.56
CA VAL A 106 -13.47 6.06 12.00
C VAL A 106 -13.65 7.24 12.97
N GLU A 107 -13.57 6.97 14.28
CA GLU A 107 -13.82 7.95 15.37
C GLU A 107 -12.62 8.88 15.52
N THR A 108 -11.40 8.41 15.27
CA THR A 108 -10.15 9.21 15.50
C THR A 108 -9.78 10.04 14.27
N ALA A 109 -10.18 9.60 13.06
CA ALA A 109 -9.93 10.30 11.77
C ALA A 109 -9.98 11.81 11.96
N PRO A 110 -11.10 12.39 12.46
CA PRO A 110 -11.23 13.85 12.48
C PRO A 110 -10.11 14.55 13.28
N ALA A 111 -9.76 14.01 14.44
CA ALA A 111 -8.74 14.54 15.37
C ALA A 111 -7.34 14.53 14.72
N VAL A 112 -6.99 13.42 14.06
CA VAL A 112 -5.71 13.23 13.31
C VAL A 112 -5.59 14.37 12.31
N VAL A 113 -6.67 14.64 11.57
CA VAL A 113 -6.69 15.59 10.44
C VAL A 113 -6.63 17.02 11.00
N ALA A 114 -7.36 17.29 12.08
CA ALA A 114 -7.39 18.60 12.76
C ALA A 114 -5.97 18.97 13.19
N LEU A 115 -5.30 18.06 13.92
CA LEU A 115 -3.91 18.18 14.39
C LEU A 115 -2.96 18.42 13.21
N LEU A 116 -2.95 17.55 12.21
CA LEU A 116 -1.99 17.69 11.10
C LEU A 116 -2.24 19.01 10.33
N GLU A 117 -3.48 19.42 10.05
CA GLU A 117 -3.75 20.62 9.20
C GLU A 117 -3.34 21.90 9.93
N GLN A 118 -3.29 21.80 11.26
CA GLN A 118 -2.91 22.88 12.22
C GLN A 118 -1.48 23.30 11.91
N ASN A 119 -0.63 22.36 11.51
CA ASN A 119 0.75 22.62 11.04
C ASN A 119 0.69 23.38 9.73
N PRO A 120 1.54 24.42 9.58
CA PRO A 120 1.55 25.20 8.34
C PRO A 120 2.10 24.44 7.13
N ASN A 121 2.85 23.35 7.34
CA ASN A 121 3.37 22.49 6.22
C ASN A 121 2.31 21.50 5.71
N ILE A 122 1.18 21.29 6.40
CA ILE A 122 0.16 20.28 6.04
C ILE A 122 -1.18 20.94 5.76
N GLU A 123 -1.76 20.51 4.64
CA GLU A 123 -3.17 20.72 4.23
C GLU A 123 -3.64 19.61 3.28
N PHE A 124 -4.84 19.07 3.51
CA PHE A 124 -5.48 18.06 2.65
C PHE A 124 -6.63 18.67 1.80
N GLU A 125 -7.18 17.88 0.88
CA GLU A 125 -8.45 18.16 0.15
C GLU A 125 -9.13 16.87 -0.27
N PHE A 126 -10.46 16.85 -0.28
CA PHE A 126 -11.25 15.73 -0.86
C PHE A 126 -10.86 15.61 -2.33
N ARG A 127 -10.63 14.40 -2.82
CA ARG A 127 -10.52 14.10 -4.29
C ARG A 127 -11.39 12.85 -4.58
N ALA A 128 -12.27 12.96 -5.57
CA ALA A 128 -13.10 11.83 -6.05
C ALA A 128 -12.21 10.66 -6.51
N PHE A 129 -12.44 9.52 -5.85
CA PHE A 129 -11.98 8.16 -6.19
C PHE A 129 -12.99 7.24 -5.49
N PRO A 130 -13.80 6.44 -6.22
CA PRO A 130 -14.89 5.71 -5.59
C PRO A 130 -14.41 4.72 -4.54
N ASP A 131 -15.23 4.42 -3.53
CA ASP A 131 -15.01 3.25 -2.63
C ASP A 131 -15.23 2.01 -3.50
N TYR A 132 -14.83 0.83 -3.03
CA TYR A 132 -14.52 -0.33 -3.91
C TYR A 132 -15.56 -1.46 -3.83
N TYR A 133 -16.57 -1.42 -2.95
CA TYR A 133 -17.58 -2.52 -2.81
C TYR A 133 -19.03 -2.00 -2.77
N LYS A 134 -19.95 -2.73 -3.41
CA LYS A 134 -21.40 -2.41 -3.31
C LYS A 134 -21.82 -2.82 -1.90
N ALA A 135 -22.06 -1.86 -1.01
CA ALA A 135 -22.56 -2.13 0.36
C ALA A 135 -23.12 -0.83 0.97
N GLU A 136 -24.07 -0.92 1.91
CA GLU A 136 -24.61 0.26 2.62
C GLU A 136 -23.43 1.13 3.09
N GLY A 137 -23.54 2.45 2.94
CA GLY A 137 -22.53 3.44 3.34
C GLY A 137 -21.41 3.62 2.31
N ARG A 138 -21.47 2.94 1.15
CA ARG A 138 -20.47 3.16 0.06
C ARG A 138 -20.60 4.61 -0.43
N MET A 139 -19.49 5.26 -0.76
CA MET A 139 -19.49 6.58 -1.45
C MET A 139 -19.06 6.38 -2.90
N ASP A 140 -19.99 6.55 -3.84
CA ASP A 140 -19.78 6.33 -5.29
C ASP A 140 -18.74 7.32 -5.85
N THR A 141 -18.67 8.54 -5.32
CA THR A 141 -17.61 9.53 -5.67
C THR A 141 -16.38 9.25 -4.81
N GLY A 142 -16.57 8.65 -3.64
CA GLY A 142 -15.51 8.39 -2.62
C GLY A 142 -15.59 9.36 -1.45
N ARG A 143 -14.71 9.22 -0.45
CA ARG A 143 -14.63 10.19 0.67
C ARG A 143 -13.17 10.42 1.06
N SER A 144 -12.23 10.08 0.19
CA SER A 144 -10.79 10.10 0.55
C SER A 144 -10.20 11.51 0.30
N ILE A 145 -9.17 11.83 1.07
CA ILE A 145 -8.49 13.15 1.06
C ILE A 145 -7.04 12.91 0.64
N ASN A 146 -6.44 13.91 0.00
CA ASN A 146 -5.05 13.86 -0.49
C ASN A 146 -4.32 15.10 0.04
N PRO A 147 -2.98 15.07 0.16
CA PRO A 147 -2.22 16.28 0.45
C PRO A 147 -2.18 17.20 -0.78
N LEU A 148 -2.08 18.50 -0.55
CA LEU A 148 -1.94 19.47 -1.66
C LEU A 148 -0.57 19.27 -2.32
N ASP A 149 -0.48 19.48 -3.63
CA ASP A 149 0.82 19.49 -4.35
C ASP A 149 1.74 20.40 -3.54
N LEU A 150 3.02 20.07 -3.45
CA LEU A 150 4.00 20.77 -2.59
C LEU A 150 5.15 21.22 -3.48
N ASP A 151 5.55 22.48 -3.40
CA ASP A 151 6.76 22.97 -4.11
C ASP A 151 7.96 22.49 -3.30
N PRO A 152 8.84 21.63 -3.85
CA PRO A 152 9.97 21.13 -3.07
C PRO A 152 10.74 22.22 -2.31
N ALA A 153 10.80 23.42 -2.90
CA ALA A 153 11.54 24.59 -2.37
C ALA A 153 11.02 24.91 -0.97
N ASP A 154 9.73 24.70 -0.70
CA ASP A 154 9.12 25.08 0.60
C ASP A 154 9.61 24.17 1.74
N ILE A 155 10.32 23.06 1.48
CA ILE A 155 10.81 22.16 2.58
C ILE A 155 12.34 22.04 2.60
N GLY A 156 13.04 22.84 1.80
CA GLY A 156 14.52 22.94 1.81
C GLY A 156 15.20 21.60 1.62
N ASP A 157 16.04 21.22 2.58
CA ASP A 157 16.97 20.07 2.50
C ASP A 157 16.21 18.74 2.65
N LEU A 158 14.90 18.74 2.95
CA LEU A 158 14.11 17.50 3.13
C LEU A 158 13.63 16.92 1.81
N ALA A 159 13.51 17.74 0.75
CA ALA A 159 12.97 17.34 -0.57
C ALA A 159 13.89 16.27 -1.19
N GLY A 160 15.19 16.50 -1.19
CA GLY A 160 16.17 15.54 -1.72
C GLY A 160 16.24 14.25 -0.92
N LYS A 161 15.62 14.20 0.27
CA LYS A 161 15.65 13.00 1.16
C LYS A 161 14.39 12.16 0.96
N VAL A 162 13.39 12.64 0.19
CA VAL A 162 12.10 11.92 0.02
C VAL A 162 12.25 10.96 -1.14
N ARG A 163 11.65 9.77 -1.02
CA ARG A 163 11.77 8.70 -2.04
C ARG A 163 10.98 9.14 -3.24
N PRO A 164 11.53 8.97 -4.46
CA PRO A 164 10.88 9.39 -5.70
C PRO A 164 9.87 8.36 -6.18
N GLU A 165 8.91 8.80 -6.99
CA GLU A 165 7.85 7.95 -7.58
C GLU A 165 8.48 6.76 -8.30
N LEU A 166 7.72 5.68 -8.49
CA LEU A 166 8.24 4.43 -9.11
C LEU A 166 8.76 4.66 -10.53
N ASP A 167 8.22 5.61 -11.29
CA ASP A 167 8.68 5.83 -12.69
C ASP A 167 10.09 6.43 -12.70
N GLN A 168 10.58 6.80 -11.50
CA GLN A 168 11.95 7.37 -11.37
C GLN A 168 12.80 6.45 -10.51
N ASP A 169 12.23 5.82 -9.48
CA ASP A 169 13.01 5.10 -8.43
C ASP A 169 13.59 3.77 -8.94
N ARG A 170 12.88 3.01 -9.78
CA ARG A 170 13.39 1.71 -10.25
C ARG A 170 14.25 1.89 -11.53
N THR A 171 14.75 3.09 -11.79
CA THR A 171 15.54 3.38 -13.00
C THR A 171 16.74 4.28 -12.62
N GLY A 172 17.08 4.37 -11.32
CA GLY A 172 18.25 5.11 -10.82
C GLY A 172 18.08 6.62 -10.99
N GLN A 173 16.83 7.09 -10.95
CA GLN A 173 16.47 8.51 -11.15
C GLN A 173 15.93 9.06 -9.83
N ASP A 174 15.95 10.39 -9.74
CA ASP A 174 15.40 11.20 -8.63
C ASP A 174 14.06 11.81 -9.10
N HIS A 175 13.46 12.64 -8.24
CA HIS A 175 12.19 13.33 -8.59
C HIS A 175 12.39 14.16 -9.87
N ALA A 176 11.41 14.11 -10.78
CA ALA A 176 11.51 14.83 -12.07
C ALA A 176 11.03 16.27 -11.94
N PRO A 177 10.97 17.05 -13.05
CA PRO A 177 10.53 18.45 -13.02
C PRO A 177 9.18 18.66 -12.32
N GLY A 178 8.21 17.77 -12.58
CA GLY A 178 6.87 17.85 -11.96
C GLY A 178 6.94 18.05 -10.46
N PRO A 179 6.11 18.96 -9.87
CA PRO A 179 6.13 19.22 -8.43
C PRO A 179 5.72 18.02 -7.56
N MET A 180 6.16 18.02 -6.30
CA MET A 180 5.86 16.91 -5.35
C MET A 180 4.35 16.68 -5.27
N ILE A 181 3.89 15.50 -5.72
CA ILE A 181 2.44 15.13 -5.68
C ILE A 181 2.26 13.76 -5.00
N GLY A 182 1.02 13.34 -4.79
CA GLY A 182 0.68 12.08 -4.12
C GLY A 182 1.59 11.79 -2.94
N GLY A 183 2.11 10.56 -2.84
CA GLY A 183 2.98 10.15 -1.71
C GLY A 183 4.15 11.09 -1.50
N ARG A 184 4.73 11.66 -2.56
CA ARG A 184 5.90 12.57 -2.40
C ARG A 184 5.45 13.80 -1.59
N ALA A 185 4.24 14.30 -1.81
CA ALA A 185 3.67 15.46 -1.08
C ALA A 185 3.40 15.07 0.36
N LEU A 186 2.84 13.88 0.57
CA LEU A 186 2.48 13.38 1.93
C LEU A 186 3.73 13.36 2.81
N ILE A 187 4.81 12.79 2.32
CA ILE A 187 6.06 12.56 3.10
C ILE A 187 6.81 13.88 3.25
N GLY A 188 6.90 14.69 2.20
CA GLY A 188 7.49 16.03 2.26
C GLY A 188 6.80 16.89 3.31
N ARG A 189 5.49 16.94 3.29
CA ARG A 189 4.73 17.75 4.28
C ARG A 189 4.95 17.18 5.69
N LEU A 190 4.82 15.87 5.87
CA LEU A 190 4.95 15.25 7.21
C LEU A 190 6.38 15.40 7.74
N LEU A 191 7.41 15.15 6.93
CA LEU A 191 8.83 15.44 7.33
C LEU A 191 8.95 16.88 7.81
N ALA A 192 8.46 17.83 7.02
CA ALA A 192 8.48 19.28 7.34
C ALA A 192 7.77 19.53 8.68
N ALA A 193 6.52 19.05 8.85
CA ALA A 193 5.74 19.17 10.10
C ALA A 193 6.53 18.62 11.29
N VAL A 194 7.00 17.37 11.19
CA VAL A 194 7.81 16.67 12.24
C VAL A 194 9.04 17.53 12.59
N GLN A 195 9.78 18.00 11.57
CA GLN A 195 10.97 18.86 11.78
C GLN A 195 10.56 20.14 12.52
N SER A 196 9.45 20.77 12.12
CA SER A 196 8.99 22.10 12.61
C SER A 196 8.73 22.11 14.12
N THR A 197 8.60 20.94 14.76
CA THR A 197 8.27 20.82 16.20
C THR A 197 9.49 21.15 17.05
N GLY A 198 10.69 21.12 16.46
CA GLY A 198 11.97 21.29 17.17
C GLY A 198 12.15 20.28 18.30
N LYS A 199 11.52 19.11 18.21
CA LYS A 199 11.57 18.06 19.26
C LYS A 199 11.84 16.69 18.62
N ALA A 200 12.27 16.67 17.37
CA ALA A 200 12.37 15.39 16.64
C ALA A 200 13.71 15.31 15.91
N GLU A 201 14.30 14.13 15.88
CA GLU A 201 15.49 13.85 15.05
C GLU A 201 15.06 12.88 13.95
N LEU A 202 15.27 13.26 12.69
CA LEU A 202 15.04 12.40 11.50
C LEU A 202 16.37 11.79 11.08
N ARG A 203 16.49 10.46 11.04
CA ARG A 203 17.72 9.75 10.58
C ARG A 203 17.44 8.78 9.41
N THR A 204 18.29 8.83 8.39
CA THR A 204 18.40 7.82 7.32
C THR A 204 19.54 6.84 7.63
N GLU A 205 19.61 5.77 6.83
CA GLU A 205 20.49 4.59 6.97
C GLU A 205 20.67 4.31 8.47
N SER A 206 19.57 4.31 9.23
CA SER A 206 19.49 3.86 10.63
C SER A 206 18.48 2.70 10.70
N VAL A 207 19.00 1.48 10.88
CA VAL A 207 18.23 0.21 10.74
C VAL A 207 17.92 -0.36 12.12
N LEU A 208 16.65 -0.62 12.43
CA LEU A 208 16.27 -1.42 13.62
C LEU A 208 16.79 -2.83 13.43
N THR A 209 17.32 -3.38 14.53
CA THR A 209 18.05 -4.66 14.61
C THR A 209 17.33 -5.51 15.66
N SER A 210 17.24 -5.03 16.90
CA SER A 210 16.57 -5.76 18.01
C SER A 210 15.87 -4.77 18.92
N LEU A 211 14.76 -5.19 19.50
CA LEU A 211 14.17 -4.46 20.65
C LEU A 211 14.96 -4.84 21.89
N ILE A 212 15.07 -3.92 22.84
CA ILE A 212 15.74 -4.14 24.15
C ILE A 212 14.64 -4.21 25.22
N VAL A 213 14.61 -5.31 25.96
CA VAL A 213 13.62 -5.60 27.02
C VAL A 213 14.32 -5.49 28.39
N GLU A 214 13.60 -5.00 29.40
CA GLU A 214 14.01 -5.00 30.83
C GLU A 214 12.77 -5.32 31.66
N ASP A 215 12.74 -6.48 32.31
CA ASP A 215 11.62 -6.94 33.16
C ASP A 215 10.35 -7.02 32.29
N GLY A 216 10.49 -7.40 31.02
CA GLY A 216 9.37 -7.68 30.10
C GLY A 216 8.72 -6.43 29.51
N ARG A 217 9.28 -5.24 29.75
CA ARG A 217 8.88 -3.96 29.10
C ARG A 217 9.92 -3.63 28.01
N VAL A 218 9.50 -3.02 26.91
CA VAL A 218 10.44 -2.52 25.86
C VAL A 218 10.91 -1.12 26.27
N VAL A 219 12.23 -0.94 26.37
CA VAL A 219 12.85 0.29 26.95
C VAL A 219 13.67 0.99 25.87
N GLY A 220 13.83 0.38 24.71
CA GLY A 220 14.71 0.93 23.65
C GLY A 220 14.93 -0.09 22.55
N ALA A 221 15.95 0.11 21.73
CA ALA A 221 16.20 -0.70 20.51
C ALA A 221 17.67 -0.63 20.13
N GLU A 222 18.21 -1.77 19.68
CA GLU A 222 19.53 -1.83 19.01
C GLU A 222 19.29 -1.33 17.59
N VAL A 223 20.14 -0.41 17.12
CA VAL A 223 20.10 0.22 15.77
C VAL A 223 21.48 0.07 15.12
N GLU A 224 21.56 -0.08 13.79
CA GLU A 224 22.81 -0.07 13.01
C GLU A 224 22.81 1.12 12.05
N SER A 225 23.78 2.02 12.22
CA SER A 225 23.99 3.23 11.39
C SER A 225 25.49 3.50 11.26
N GLY A 226 25.98 3.64 10.03
CA GLY A 226 27.39 3.93 9.70
C GLY A 226 28.33 2.89 10.28
N GLY A 227 28.15 1.61 9.93
CA GLY A 227 29.02 0.48 10.29
C GLY A 227 28.84 0.04 11.73
N GLU A 228 28.87 1.00 12.66
CA GLU A 228 28.80 0.75 14.13
C GLU A 228 27.35 0.55 14.57
N THR A 229 27.18 0.14 15.84
CA THR A 229 25.91 -0.23 16.53
C THR A 229 25.57 0.82 17.58
N GLN A 230 24.32 1.27 17.64
CA GLN A 230 23.83 2.27 18.65
C GLN A 230 22.74 1.59 19.49
N ARG A 231 22.61 1.96 20.77
CA ARG A 231 21.54 1.48 21.68
C ARG A 231 20.71 2.69 22.11
N ILE A 232 19.48 2.81 21.59
CA ILE A 232 18.63 4.02 21.73
C ILE A 232 17.56 3.74 22.79
N LYS A 233 17.58 4.54 23.84
CA LYS A 233 16.63 4.42 24.98
C LYS A 233 15.35 5.11 24.54
N ALA A 234 14.18 4.55 24.92
CA ALA A 234 12.83 5.07 24.58
C ALA A 234 11.94 5.11 25.83
N ASN A 235 11.92 6.28 26.49
CA ASN A 235 11.32 6.48 27.83
C ASN A 235 9.86 6.03 27.80
N ARG A 236 9.07 6.49 26.82
CA ARG A 236 7.60 6.20 26.73
C ARG A 236 7.34 4.98 25.84
N GLY A 237 8.02 4.84 24.70
CA GLY A 237 7.81 3.64 23.88
C GLY A 237 8.50 3.68 22.54
N VAL A 238 8.42 2.54 21.85
CA VAL A 238 8.85 2.35 20.44
C VAL A 238 7.60 2.12 19.58
N LEU A 239 7.44 2.93 18.54
CA LEU A 239 6.39 2.75 17.50
C LEU A 239 7.04 2.10 16.28
N MET A 240 6.52 0.94 15.88
CA MET A 240 7.07 0.18 14.75
C MET A 240 6.10 0.31 13.56
N ALA A 241 6.44 1.17 12.61
CA ALA A 241 5.69 1.39 11.36
C ALA A 241 6.69 1.32 10.21
N ALA A 242 7.40 0.19 10.17
CA ALA A 242 8.47 -0.16 9.21
C ALA A 242 7.92 -1.09 8.12
N GLY A 243 6.60 -1.10 7.95
CA GLY A 243 5.98 -1.90 6.88
C GLY A 243 5.89 -3.37 7.22
N GLY A 244 5.59 -4.18 6.21
CA GLY A 244 5.34 -5.62 6.36
C GLY A 244 6.50 -6.47 5.89
N ILE A 245 6.10 -7.65 5.38
CA ILE A 245 6.95 -8.80 4.94
C ILE A 245 7.00 -8.83 3.40
N GLU A 246 6.57 -7.76 2.74
CA GLU A 246 6.36 -7.70 1.26
C GLU A 246 7.67 -8.04 0.52
N GLY A 247 8.83 -7.63 1.03
CA GLY A 247 10.14 -7.87 0.38
C GLY A 247 10.88 -9.11 0.88
N ASN A 248 10.25 -9.93 1.72
CA ASN A 248 10.90 -11.13 2.32
C ASN A 248 10.24 -12.42 1.80
N ALA A 249 10.80 -12.98 0.71
CA ALA A 249 10.32 -14.20 0.01
C ALA A 249 10.14 -15.35 1.01
N GLU A 250 11.09 -15.51 1.93
CA GLU A 250 11.13 -16.66 2.89
C GLU A 250 9.97 -16.52 3.87
N MET A 251 9.78 -15.33 4.45
CA MET A 251 8.66 -15.10 5.40
C MET A 251 7.32 -15.25 4.68
N ARG A 252 7.25 -14.95 3.37
CA ARG A 252 6.01 -15.12 2.57
C ARG A 252 5.76 -16.61 2.33
N GLU A 253 6.76 -17.36 1.79
CA GLU A 253 6.65 -18.83 1.60
C GLU A 253 6.14 -19.44 2.91
N GLN A 254 6.73 -19.03 4.02
CA GLN A 254 6.41 -19.58 5.35
C GLN A 254 4.94 -19.31 5.68
N ALA A 255 4.46 -18.09 5.49
CA ALA A 255 3.09 -17.68 5.88
C ALA A 255 2.08 -18.22 4.87
N GLY A 256 2.50 -18.52 3.64
CA GLY A 256 1.61 -18.93 2.54
C GLY A 256 0.99 -17.73 1.86
N THR A 257 1.59 -16.56 2.03
CA THR A 257 1.26 -15.32 1.30
C THR A 257 1.37 -15.58 -0.19
N PRO A 258 0.27 -15.45 -0.95
CA PRO A 258 0.33 -15.48 -2.41
C PRO A 258 1.17 -14.32 -2.97
N GLY A 259 1.45 -14.35 -4.27
CA GLY A 259 2.35 -13.39 -4.93
C GLY A 259 3.80 -13.74 -4.62
N LYS A 260 4.71 -12.85 -4.96
CA LYS A 260 6.16 -13.06 -4.79
C LYS A 260 6.76 -11.72 -4.37
N ALA A 261 7.80 -11.75 -3.52
CA ALA A 261 8.64 -10.59 -3.18
C ALA A 261 8.98 -9.83 -4.46
N ILE A 262 9.40 -10.51 -5.54
CA ILE A 262 9.95 -9.81 -6.73
C ILE A 262 8.80 -9.11 -7.47
N TRP A 263 7.55 -9.45 -7.15
CA TRP A 263 6.36 -8.82 -7.76
C TRP A 263 5.85 -7.63 -6.92
N SER A 264 6.06 -7.63 -5.60
CA SER A 264 5.71 -6.50 -4.69
C SER A 264 6.20 -5.17 -5.28
N MET A 265 5.40 -4.12 -5.06
CA MET A 265 5.72 -2.73 -5.48
C MET A 265 6.28 -1.96 -4.27
N GLY A 266 6.54 -2.64 -3.14
CA GLY A 266 7.36 -2.10 -2.03
C GLY A 266 8.76 -1.83 -2.53
N PRO A 267 9.49 -0.82 -2.01
CA PRO A 267 10.84 -0.50 -2.49
C PRO A 267 11.75 -1.71 -2.25
N PHE A 268 12.39 -2.18 -3.33
CA PHE A 268 13.33 -3.32 -3.34
C PHE A 268 14.25 -3.25 -2.11
N GLY A 269 14.18 -4.24 -1.22
CA GLY A 269 15.13 -4.40 -0.10
C GLY A 269 14.68 -3.76 1.21
N ALA A 270 13.63 -2.92 1.19
CA ALA A 270 13.20 -2.08 2.34
C ALA A 270 12.40 -2.87 3.37
N ASN A 271 11.20 -3.34 2.99
CA ASN A 271 10.22 -3.92 3.93
C ASN A 271 10.44 -5.44 3.95
N THR A 272 11.23 -5.94 4.91
CA THR A 272 11.66 -7.36 4.96
C THR A 272 11.24 -7.97 6.29
N GLY A 273 10.25 -7.37 6.94
CA GLY A 273 9.63 -7.89 8.17
C GLY A 273 10.49 -7.63 9.40
N ASP A 274 11.46 -6.71 9.30
CA ASP A 274 12.43 -6.40 10.39
C ASP A 274 11.64 -6.17 11.71
N ALA A 275 10.65 -5.27 11.70
CA ALA A 275 9.83 -4.92 12.89
C ALA A 275 8.95 -6.11 13.35
N ILE A 276 8.32 -6.82 12.41
CA ILE A 276 7.36 -7.91 12.77
C ILE A 276 8.15 -8.99 13.52
N SER A 277 9.28 -9.36 12.93
CA SER A 277 10.33 -10.25 13.50
C SER A 277 10.70 -9.79 14.92
N ALA A 278 11.12 -8.53 15.05
CA ALA A 278 11.56 -7.93 16.34
C ALA A 278 10.42 -8.00 17.36
N GLY A 279 9.18 -7.82 16.92
CA GLY A 279 7.98 -7.90 17.78
C GLY A 279 7.67 -9.33 18.21
N ILE A 280 7.87 -10.31 17.33
CA ILE A 280 7.65 -11.73 17.73
C ILE A 280 8.68 -12.09 18.81
N ALA A 281 9.95 -11.76 18.56
CA ALA A 281 11.09 -11.97 19.49
C ALA A 281 10.68 -11.62 20.94
N VAL A 282 10.01 -10.51 21.17
CA VAL A 282 9.69 -10.07 22.55
C VAL A 282 8.28 -10.54 22.95
N GLY A 283 7.67 -11.46 22.19
CA GLY A 283 6.44 -12.20 22.56
C GLY A 283 5.17 -11.75 21.84
N GLY A 284 5.27 -10.99 20.75
CA GLY A 284 4.08 -10.51 20.04
C GLY A 284 3.37 -11.63 19.29
N ALA A 285 2.04 -11.65 19.33
CA ALA A 285 1.21 -12.52 18.46
C ALA A 285 1.20 -11.93 17.05
N THR A 286 0.90 -12.76 16.06
CA THR A 286 0.75 -12.35 14.65
C THR A 286 -0.57 -12.91 14.11
N ALA A 287 -1.11 -12.25 13.08
CA ALA A 287 -2.32 -12.67 12.36
C ALA A 287 -2.19 -12.32 10.87
N LEU A 288 -2.97 -13.01 10.04
CA LEU A 288 -3.32 -12.60 8.65
C LEU A 288 -2.07 -12.54 7.77
N LEU A 289 -0.96 -13.21 8.11
CA LEU A 289 0.33 -13.06 7.39
C LEU A 289 0.20 -13.44 5.92
N ASP A 290 -0.72 -14.36 5.61
CA ASP A 290 -1.01 -14.86 4.23
C ASP A 290 -1.79 -13.79 3.44
N GLN A 291 -2.19 -12.69 4.07
CA GLN A 291 -2.97 -11.61 3.42
C GLN A 291 -2.05 -10.45 3.02
N ALA A 292 -2.45 -9.78 1.94
CA ALA A 292 -1.74 -8.65 1.32
C ALA A 292 -2.77 -7.66 0.75
N TRP A 293 -2.31 -6.45 0.48
CA TRP A 293 -3.02 -5.51 -0.40
C TRP A 293 -2.65 -5.91 -1.84
N PHE A 294 -3.44 -6.79 -2.45
CA PHE A 294 -3.15 -7.40 -3.77
C PHE A 294 -3.44 -6.41 -4.90
N CYS A 295 -2.74 -6.59 -6.02
CA CYS A 295 -3.05 -5.92 -7.31
C CYS A 295 -2.56 -6.75 -8.48
N PRO A 296 -3.19 -6.67 -9.65
CA PRO A 296 -2.59 -7.20 -10.86
C PRO A 296 -1.30 -6.44 -11.11
N GLY A 297 -0.28 -7.11 -11.63
CA GLY A 297 0.99 -6.48 -12.01
C GLY A 297 1.39 -6.88 -13.41
N VAL A 298 1.76 -5.92 -14.24
CA VAL A 298 2.26 -6.21 -15.61
C VAL A 298 3.70 -6.70 -15.46
N GLU A 299 3.92 -7.99 -15.74
CA GLU A 299 5.26 -8.62 -15.63
C GLU A 299 6.23 -7.81 -16.49
N GLN A 300 7.44 -7.59 -15.97
CA GLN A 300 8.52 -6.75 -16.57
C GLN A 300 9.63 -7.64 -17.11
N PRO A 301 10.48 -7.16 -18.04
CA PRO A 301 11.62 -7.96 -18.51
C PRO A 301 12.46 -8.47 -17.34
N ASP A 302 12.70 -7.65 -16.32
CA ASP A 302 13.64 -7.95 -15.22
C ASP A 302 12.98 -8.92 -14.23
N GLY A 303 11.76 -9.37 -14.52
CA GLY A 303 11.02 -10.37 -13.70
C GLY A 303 10.17 -9.77 -12.58
N SER A 304 10.32 -8.46 -12.30
CA SER A 304 9.48 -7.68 -11.35
C SER A 304 8.13 -7.34 -11.99
N ALA A 305 7.30 -6.55 -11.29
CA ALA A 305 5.96 -6.15 -11.81
C ALA A 305 5.78 -4.64 -11.74
N ALA A 306 4.75 -4.17 -12.46
CA ALA A 306 4.17 -2.80 -12.44
C ALA A 306 2.71 -2.88 -12.01
N PHE A 307 2.31 -1.97 -11.14
CA PHE A 307 0.91 -1.85 -10.66
C PHE A 307 0.01 -1.55 -11.86
N MET A 308 -0.96 -2.42 -12.14
CA MET A 308 -1.96 -2.19 -13.20
C MET A 308 -3.27 -1.74 -12.56
N VAL A 309 -3.57 -0.44 -12.72
CA VAL A 309 -4.72 0.25 -12.10
C VAL A 309 -5.46 1.01 -13.21
N GLY A 310 -6.75 1.30 -13.00
CA GLY A 310 -7.59 2.09 -13.94
C GLY A 310 -7.63 1.48 -15.33
N VAL A 311 -8.03 0.22 -15.41
CA VAL A 311 -8.18 -0.54 -16.69
C VAL A 311 -9.27 0.13 -17.51
N ARG A 312 -9.04 0.35 -18.80
CA ARG A 312 -10.03 1.03 -19.67
C ARG A 312 -10.14 0.39 -21.06
N GLY A 313 -9.75 -0.88 -21.18
CA GLY A 313 -9.78 -1.62 -22.44
C GLY A 313 -9.31 -3.05 -22.28
N GLY A 314 -9.23 -3.77 -23.39
CA GLY A 314 -8.84 -5.18 -23.45
C GLY A 314 -9.75 -6.06 -22.62
N LEU A 315 -9.33 -7.31 -22.48
CA LEU A 315 -9.88 -8.32 -21.55
C LEU A 315 -8.70 -9.15 -21.05
N VAL A 316 -8.98 -10.04 -20.09
CA VAL A 316 -7.96 -10.95 -19.50
C VAL A 316 -8.46 -12.39 -19.59
N VAL A 317 -7.56 -13.28 -20.00
CA VAL A 317 -7.80 -14.75 -20.11
C VAL A 317 -6.85 -15.52 -19.19
N ASP A 318 -7.29 -16.71 -18.75
CA ASP A 318 -6.46 -17.75 -18.10
C ASP A 318 -5.69 -18.49 -19.20
N SER A 319 -4.91 -19.51 -18.81
CA SER A 319 -4.12 -20.31 -19.78
C SER A 319 -5.04 -21.03 -20.77
N ALA A 320 -6.35 -21.01 -20.50
CA ALA A 320 -7.34 -21.66 -21.38
C ALA A 320 -7.92 -20.64 -22.36
N GLY A 321 -7.38 -19.42 -22.36
CA GLY A 321 -7.85 -18.35 -23.25
C GLY A 321 -9.33 -18.05 -23.05
N GLU A 322 -9.75 -17.86 -21.80
CA GLU A 322 -11.16 -17.56 -21.48
C GLU A 322 -11.22 -16.59 -20.30
N ARG A 323 -12.06 -15.56 -20.40
CA ARG A 323 -12.22 -14.55 -19.31
C ARG A 323 -12.72 -15.25 -18.04
N TYR A 324 -12.19 -14.87 -16.88
CA TYR A 324 -12.60 -15.52 -15.60
C TYR A 324 -13.03 -14.44 -14.59
N LEU A 325 -12.80 -13.16 -14.91
CA LEU A 325 -13.18 -12.07 -13.98
C LEU A 325 -13.52 -10.80 -14.76
N ASN A 326 -14.07 -9.84 -14.02
CA ASN A 326 -14.31 -8.44 -14.47
C ASN A 326 -12.99 -7.64 -14.45
N GLU A 327 -12.39 -7.44 -15.62
CA GLU A 327 -11.04 -6.82 -15.75
C GLU A 327 -11.03 -5.43 -15.10
N SER A 328 -12.20 -4.81 -14.97
CA SER A 328 -12.37 -3.45 -14.39
C SER A 328 -12.54 -3.51 -12.86
N LEU A 329 -12.52 -4.71 -12.26
CA LEU A 329 -12.63 -4.87 -10.78
C LEU A 329 -11.53 -4.03 -10.13
N PRO A 330 -11.80 -3.46 -8.93
CA PRO A 330 -10.76 -2.89 -8.09
C PRO A 330 -9.62 -3.89 -7.85
N TYR A 331 -8.41 -3.37 -7.81
CA TYR A 331 -7.14 -4.13 -7.96
C TYR A 331 -7.08 -5.25 -6.91
N ASP A 332 -7.49 -5.02 -5.66
CA ASP A 332 -7.37 -6.06 -4.60
C ASP A 332 -8.29 -7.23 -4.96
N GLN A 333 -9.48 -6.96 -5.49
CA GLN A 333 -10.47 -8.02 -5.81
C GLN A 333 -9.99 -8.71 -7.07
N PHE A 334 -9.57 -7.94 -8.07
CA PHE A 334 -8.92 -8.48 -9.29
C PHE A 334 -7.92 -9.57 -8.83
N GLY A 335 -6.97 -9.19 -7.99
CA GLY A 335 -5.85 -10.05 -7.58
C GLY A 335 -6.30 -11.28 -6.83
N ARG A 336 -7.20 -11.11 -5.85
CA ARG A 336 -7.80 -12.22 -5.05
C ARG A 336 -8.49 -13.22 -5.98
N ALA A 337 -9.09 -12.75 -7.08
CA ALA A 337 -9.81 -13.58 -8.07
C ALA A 337 -8.84 -14.37 -8.96
N MET A 338 -7.70 -13.78 -9.31
CA MET A 338 -6.57 -14.48 -9.98
C MET A 338 -6.17 -15.66 -9.10
N ASP A 339 -6.02 -15.40 -7.81
CA ASP A 339 -5.50 -16.37 -6.82
C ASP A 339 -6.48 -17.53 -6.65
N ALA A 340 -7.77 -17.22 -6.55
CA ALA A 340 -8.86 -18.20 -6.39
C ALA A 340 -8.90 -19.12 -7.61
N HIS A 341 -8.68 -18.57 -8.81
CA HIS A 341 -8.95 -19.27 -10.09
C HIS A 341 -7.74 -20.12 -10.51
N ASP A 342 -6.65 -20.07 -9.75
CA ASP A 342 -5.32 -20.62 -10.15
C ASP A 342 -5.21 -22.11 -9.81
N ASP A 343 -5.21 -22.92 -10.88
CA ASP A 343 -5.07 -24.40 -10.82
C ASP A 343 -3.64 -24.70 -11.23
N ASN A 344 -2.70 -24.42 -10.34
CA ASN A 344 -1.27 -24.64 -10.63
C ASN A 344 -0.89 -23.93 -11.94
N GLY A 345 -1.11 -22.61 -12.00
CA GLY A 345 -0.62 -21.81 -13.14
C GLY A 345 -1.64 -21.45 -14.20
N SER A 346 -2.94 -21.70 -13.98
CA SER A 346 -3.89 -21.39 -15.07
C SER A 346 -4.20 -19.89 -15.13
N ALA A 347 -4.00 -19.21 -14.01
CA ALA A 347 -4.37 -17.78 -13.85
C ALA A 347 -3.20 -16.87 -13.42
N VAL A 348 -2.11 -17.43 -12.87
CA VAL A 348 -0.87 -16.66 -12.52
C VAL A 348 0.27 -17.31 -13.28
N PRO A 349 0.68 -16.80 -14.45
CA PRO A 349 0.13 -15.58 -15.05
C PRO A 349 -1.26 -15.73 -15.70
N SER A 350 -1.95 -14.60 -15.85
CA SER A 350 -3.06 -14.37 -16.79
C SER A 350 -2.54 -13.54 -17.98
N PHE A 351 -3.33 -13.41 -19.04
CA PHE A 351 -2.91 -12.72 -20.29
C PHE A 351 -3.90 -11.60 -20.61
N MET A 352 -3.42 -10.35 -20.59
CA MET A 352 -4.23 -9.17 -20.99
C MET A 352 -4.16 -9.01 -22.51
N ILE A 353 -5.30 -9.20 -23.17
CA ILE A 353 -5.44 -9.14 -24.65
C ILE A 353 -5.94 -7.73 -25.00
N PHE A 354 -5.21 -7.03 -25.89
CA PHE A 354 -5.59 -5.67 -26.32
C PHE A 354 -5.22 -5.49 -27.80
N ASP A 355 -5.62 -4.36 -28.39
CA ASP A 355 -5.34 -4.08 -29.83
C ASP A 355 -4.56 -2.76 -29.93
N SER A 356 -4.57 -2.13 -31.10
CA SER A 356 -3.77 -0.93 -31.41
C SER A 356 -4.60 0.32 -31.16
N ARG A 357 -5.68 0.20 -30.38
CA ARG A 357 -6.56 1.34 -30.02
C ARG A 357 -5.74 2.44 -29.33
N GLU A 358 -4.66 2.09 -28.62
CA GLU A 358 -3.85 3.07 -27.86
C GLU A 358 -2.45 3.09 -28.44
N GLY A 359 -2.37 2.94 -29.77
CA GLY A 359 -1.14 2.90 -30.58
C GLY A 359 -0.09 1.92 -30.08
N GLY A 360 -0.49 0.73 -29.59
CA GLY A 360 0.44 -0.26 -29.04
C GLY A 360 0.49 -0.24 -27.53
N GLY A 361 -0.10 0.79 -26.90
CA GLY A 361 -0.13 0.94 -25.43
C GLY A 361 -1.06 -0.04 -24.78
N LEU A 362 -0.74 -0.54 -23.59
CA LEU A 362 -1.67 -1.39 -22.80
C LEU A 362 -2.75 -0.44 -22.26
N PRO A 363 -4.04 -0.78 -22.39
CA PRO A 363 -5.11 0.16 -22.05
C PRO A 363 -5.35 0.16 -20.53
N ALA A 364 -4.39 0.71 -19.78
CA ALA A 364 -4.43 0.89 -18.32
C ALA A 364 -3.24 1.75 -17.85
N ILE A 365 -3.30 2.25 -16.63
CA ILE A 365 -2.15 2.89 -15.92
C ILE A 365 -1.23 1.78 -15.36
N CYS A 366 -0.03 1.68 -15.89
CA CYS A 366 1.03 0.79 -15.35
C CYS A 366 2.02 1.67 -14.61
N ILE A 367 2.27 1.34 -13.33
CA ILE A 367 3.23 2.07 -12.47
C ILE A 367 4.29 1.08 -11.98
N PRO A 368 5.56 1.18 -12.44
CA PRO A 368 5.96 2.15 -13.46
C PRO A 368 5.50 1.71 -14.85
N ASN A 369 5.81 2.50 -15.89
CA ASN A 369 5.23 2.31 -17.24
C ASN A 369 6.38 2.04 -18.22
N THR A 370 6.69 0.76 -18.45
CA THR A 370 7.78 0.37 -19.38
C THR A 370 7.28 0.52 -20.83
N ALA A 371 8.19 0.92 -21.74
CA ALA A 371 7.85 1.11 -23.16
C ALA A 371 7.46 -0.24 -23.78
N PRO A 372 6.41 -0.32 -24.62
CA PRO A 372 5.99 -1.59 -25.24
C PRO A 372 7.17 -2.29 -25.94
N ALA A 373 8.00 -1.51 -26.63
CA ALA A 373 9.18 -2.07 -27.34
C ALA A 373 10.00 -2.96 -26.40
N LYS A 374 10.16 -2.55 -25.15
CA LYS A 374 11.06 -3.23 -24.19
C LYS A 374 10.41 -4.55 -23.79
N HIS A 375 9.09 -4.53 -23.63
CA HIS A 375 8.28 -5.73 -23.28
C HIS A 375 8.31 -6.75 -24.42
N LEU A 376 8.22 -6.28 -25.67
CA LEU A 376 8.12 -7.15 -26.87
C LEU A 376 9.49 -7.78 -27.16
N GLU A 377 10.58 -7.01 -27.05
CA GLU A 377 11.99 -7.50 -27.08
C GLU A 377 12.18 -8.64 -26.09
N ALA A 378 11.60 -8.52 -24.90
CA ALA A 378 11.87 -9.41 -23.74
C ALA A 378 10.89 -10.60 -23.75
N GLY A 379 9.76 -10.49 -24.45
CA GLY A 379 8.72 -11.55 -24.53
C GLY A 379 7.68 -11.55 -23.40
N THR A 380 7.71 -10.59 -22.48
CA THR A 380 6.63 -10.37 -21.47
C THR A 380 5.33 -10.03 -22.19
N TRP A 381 5.41 -9.19 -23.21
CA TRP A 381 4.29 -9.01 -24.17
C TRP A 381 4.66 -9.69 -25.49
N VAL A 382 3.62 -9.96 -26.28
CA VAL A 382 3.66 -10.67 -27.59
C VAL A 382 2.72 -9.93 -28.57
N GLY A 383 3.10 -9.78 -29.83
CA GLY A 383 2.23 -9.08 -30.81
C GLY A 383 2.02 -9.85 -32.09
N ALA A 384 0.86 -9.72 -32.71
CA ALA A 384 0.58 -10.44 -33.97
C ALA A 384 -0.45 -9.67 -34.78
N ASP A 385 -0.54 -9.95 -36.07
CA ASP A 385 -1.51 -9.27 -36.97
C ASP A 385 -2.84 -10.04 -36.91
N THR A 386 -2.89 -11.22 -36.28
CA THR A 386 -4.14 -12.02 -36.08
C THR A 386 -4.16 -12.73 -34.72
N LEU A 387 -5.37 -12.96 -34.21
CA LEU A 387 -5.56 -13.67 -32.93
C LEU A 387 -5.02 -15.09 -33.05
N GLU A 388 -5.14 -15.74 -34.22
CA GLU A 388 -4.64 -17.14 -34.43
C GLU A 388 -3.15 -17.18 -34.08
N GLU A 389 -2.40 -16.24 -34.65
CA GLU A 389 -0.92 -16.15 -34.54
C GLU A 389 -0.58 -15.70 -33.13
N LEU A 390 -1.38 -14.78 -32.56
CA LEU A 390 -1.15 -14.29 -31.19
C LEU A 390 -1.25 -15.47 -30.22
N ALA A 391 -2.22 -16.36 -30.44
CA ALA A 391 -2.46 -17.58 -29.63
C ALA A 391 -1.27 -18.54 -29.80
N ALA A 392 -0.76 -18.69 -31.03
CA ALA A 392 0.47 -19.46 -31.35
C ALA A 392 1.58 -18.92 -30.45
N LYS A 393 1.97 -17.65 -30.64
CA LYS A 393 3.12 -17.04 -29.93
C LYS A 393 2.96 -17.12 -28.40
N THR A 394 1.75 -17.22 -27.86
CA THR A 394 1.52 -17.11 -26.39
C THR A 394 1.23 -18.47 -25.76
N GLY A 395 1.15 -19.54 -26.54
CA GLY A 395 0.72 -20.88 -26.08
C GLY A 395 -0.70 -20.88 -25.55
N LEU A 396 -1.59 -20.10 -26.15
CA LEU A 396 -3.01 -20.05 -25.72
C LEU A 396 -3.80 -20.86 -26.72
N PRO A 397 -4.81 -21.62 -26.28
CA PRO A 397 -5.69 -22.34 -27.21
C PRO A 397 -6.32 -21.35 -28.20
N ALA A 398 -6.09 -21.52 -29.51
CA ALA A 398 -6.43 -20.54 -30.56
C ALA A 398 -7.94 -20.51 -30.78
N ASP A 399 -8.61 -21.67 -30.74
CA ASP A 399 -10.07 -21.75 -30.93
C ASP A 399 -10.71 -20.94 -29.80
N ALA A 400 -10.27 -21.17 -28.55
CA ALA A 400 -10.84 -20.57 -27.32
C ALA A 400 -10.65 -19.04 -27.30
N LEU A 401 -9.41 -18.57 -27.48
CA LEU A 401 -9.08 -17.12 -27.49
C LEU A 401 -10.00 -16.41 -28.48
N ARG A 402 -10.02 -16.87 -29.73
CA ARG A 402 -10.88 -16.32 -30.82
C ARG A 402 -12.36 -16.35 -30.39
N SER A 403 -12.88 -17.39 -29.71
CA SER A 403 -14.30 -17.39 -29.23
C SER A 403 -14.44 -16.30 -28.17
N THR A 404 -13.55 -16.33 -27.16
CA THR A 404 -13.52 -15.37 -26.03
C THR A 404 -13.64 -13.96 -26.61
N VAL A 405 -12.86 -13.65 -27.66
CA VAL A 405 -12.74 -12.26 -28.19
C VAL A 405 -14.00 -11.90 -29.00
N GLU A 406 -14.48 -12.78 -29.89
CA GLU A 406 -15.75 -12.58 -30.65
C GLU A 406 -16.90 -12.33 -29.65
N LYS A 407 -16.97 -13.09 -28.55
CA LYS A 407 -18.04 -12.99 -27.51
C LYS A 407 -17.95 -11.65 -26.76
N PHE A 408 -16.74 -11.24 -26.36
CA PHE A 408 -16.48 -9.95 -25.66
C PHE A 408 -16.89 -8.80 -26.59
N ASN A 409 -16.46 -8.89 -27.84
CA ASN A 409 -16.72 -7.85 -28.86
C ASN A 409 -18.22 -7.71 -29.07
N ASP A 410 -18.96 -8.80 -28.91
CA ASP A 410 -20.42 -8.78 -29.10
C ASP A 410 -21.04 -8.00 -27.95
N ALA A 411 -20.52 -8.20 -26.76
CA ALA A 411 -21.01 -7.52 -25.54
C ALA A 411 -20.70 -6.04 -25.62
N ALA A 412 -19.56 -5.71 -26.22
CA ALA A 412 -19.17 -4.29 -26.36
C ALA A 412 -20.20 -3.57 -27.23
N LYS A 413 -20.58 -4.19 -28.35
CA LYS A 413 -21.54 -3.56 -29.27
C LYS A 413 -22.91 -3.51 -28.59
N LEU A 414 -23.23 -4.54 -27.80
CA LEU A 414 -24.53 -4.60 -27.09
C LEU A 414 -24.53 -3.55 -25.99
N GLY A 415 -23.55 -3.62 -25.08
CA GLY A 415 -23.46 -2.64 -24.00
C GLY A 415 -23.50 -3.28 -22.63
N VAL A 416 -23.54 -4.61 -22.57
CA VAL A 416 -23.55 -5.30 -21.26
C VAL A 416 -22.67 -6.55 -21.36
N ASP A 417 -21.92 -6.81 -20.30
CA ASP A 417 -21.07 -8.03 -20.22
C ASP A 417 -21.90 -9.05 -19.46
N GLU A 418 -22.62 -9.93 -20.17
CA GLU A 418 -23.48 -10.93 -19.50
C GLU A 418 -22.68 -11.75 -18.49
N GLU A 419 -21.51 -12.21 -18.88
CA GLU A 419 -20.66 -13.10 -18.04
C GLU A 419 -20.13 -12.43 -16.79
N PHE A 420 -19.58 -11.23 -16.86
CA PHE A 420 -18.95 -10.64 -15.64
C PHE A 420 -19.43 -9.24 -15.30
N HIS A 421 -20.50 -8.75 -15.94
CA HIS A 421 -21.08 -7.43 -15.59
C HIS A 421 -20.02 -6.32 -15.54
N ARG A 422 -19.14 -6.25 -16.53
CA ARG A 422 -18.07 -5.23 -16.52
C ARG A 422 -18.62 -3.88 -16.93
N GLY A 423 -18.23 -2.82 -16.22
CA GLY A 423 -18.69 -1.46 -16.52
C GLY A 423 -19.94 -1.08 -15.75
N GLU A 424 -20.54 -2.03 -15.06
CA GLU A 424 -21.80 -1.80 -14.32
C GLU A 424 -21.55 -1.43 -12.86
N ASP A 425 -20.51 -0.64 -12.60
CA ASP A 425 -20.20 -0.19 -11.22
C ASP A 425 -19.60 1.21 -11.30
N PRO A 426 -19.70 2.05 -10.25
CA PRO A 426 -19.12 3.38 -10.28
C PRO A 426 -17.60 3.38 -10.37
N TYR A 427 -16.95 2.33 -9.84
CA TYR A 427 -15.47 2.23 -9.92
C TYR A 427 -15.08 1.90 -11.35
N ASP A 428 -15.70 0.88 -11.93
CA ASP A 428 -15.40 0.46 -13.32
C ASP A 428 -15.53 1.64 -14.27
N ALA A 429 -16.60 2.41 -14.16
CA ALA A 429 -16.88 3.56 -15.05
C ALA A 429 -16.00 4.76 -14.73
N PHE A 430 -15.41 4.80 -13.54
CA PHE A 430 -14.61 5.98 -13.13
C PHE A 430 -13.41 6.23 -14.06
N PHE A 431 -12.79 5.18 -14.55
CA PHE A 431 -11.57 5.35 -15.37
C PHE A 431 -11.88 5.32 -16.85
N CYS A 432 -13.12 5.03 -17.21
CA CYS A 432 -13.45 4.87 -18.65
C CYS A 432 -14.02 6.15 -19.26
N PRO A 433 -13.27 6.80 -20.18
CA PRO A 433 -13.75 7.99 -20.87
C PRO A 433 -14.77 7.50 -21.89
N PRO A 434 -15.94 8.16 -22.03
CA PRO A 434 -16.98 7.70 -22.96
C PRO A 434 -16.45 7.47 -24.38
N ASN A 435 -16.84 6.34 -24.96
CA ASN A 435 -16.50 6.02 -26.37
C ASN A 435 -17.77 6.20 -27.20
N GLY A 436 -17.86 5.52 -28.34
CA GLY A 436 -19.08 5.65 -29.17
C GLY A 436 -20.01 4.49 -28.94
N GLY A 437 -19.91 3.84 -27.77
CA GLY A 437 -20.73 2.65 -27.44
C GLY A 437 -21.70 2.90 -26.31
N ALA A 438 -22.42 1.85 -25.92
CA ALA A 438 -23.44 1.95 -24.85
C ALA A 438 -22.79 1.72 -23.49
N ASN A 439 -21.56 1.20 -23.49
CA ASN A 439 -20.81 0.95 -22.24
C ASN A 439 -19.38 1.40 -22.48
N ALA A 440 -18.87 2.32 -21.67
CA ALA A 440 -17.52 2.87 -21.87
C ALA A 440 -16.44 1.89 -21.41
N ALA A 441 -16.80 0.91 -20.59
CA ALA A 441 -15.81 -0.04 -20.06
C ALA A 441 -15.59 -1.17 -21.07
N LEU A 442 -16.56 -1.38 -21.96
CA LEU A 442 -16.45 -2.43 -22.99
C LEU A 442 -16.13 -1.79 -24.33
N THR A 443 -14.92 -2.05 -24.84
CA THR A 443 -14.49 -1.53 -26.15
C THR A 443 -14.01 -2.73 -26.96
N ALA A 444 -14.53 -2.91 -28.17
CA ALA A 444 -14.19 -4.07 -29.01
C ALA A 444 -12.70 -4.10 -29.35
N ILE A 445 -12.10 -5.29 -29.30
CA ILE A 445 -10.65 -5.47 -29.61
C ILE A 445 -10.53 -6.16 -30.97
N GLU A 446 -10.77 -5.42 -32.06
CA GLU A 446 -10.69 -5.99 -33.44
C GLU A 446 -9.66 -5.20 -34.25
N ASN A 447 -9.04 -4.18 -33.64
CA ASN A 447 -8.02 -3.35 -34.34
C ASN A 447 -6.66 -4.04 -34.25
N GLY A 448 -6.04 -4.32 -35.40
CA GLY A 448 -4.72 -4.98 -35.45
C GLY A 448 -3.59 -3.97 -35.29
N PRO A 449 -2.38 -4.41 -34.86
CA PRO A 449 -2.13 -5.76 -34.38
C PRO A 449 -2.66 -5.98 -32.94
N PHE A 450 -2.71 -7.23 -32.50
CA PHE A 450 -3.21 -7.55 -31.14
C PHE A 450 -2.02 -7.93 -30.27
N TYR A 451 -2.11 -7.64 -28.98
CA TYR A 451 -0.99 -7.93 -28.06
C TYR A 451 -1.48 -8.73 -26.87
N ALA A 452 -0.58 -9.51 -26.29
CA ALA A 452 -0.85 -10.31 -25.09
C ALA A 452 0.21 -9.95 -24.05
N ALA A 453 -0.22 -9.46 -22.89
CA ALA A 453 0.71 -9.04 -21.83
C ALA A 453 0.52 -9.98 -20.63
N ARG A 454 1.64 -10.47 -20.11
CA ARG A 454 1.62 -11.37 -18.94
C ARG A 454 1.38 -10.46 -17.74
N ILE A 455 0.36 -10.84 -16.95
CA ILE A 455 -0.14 -10.24 -15.68
C ILE A 455 0.13 -11.24 -14.55
N VAL A 456 0.86 -10.85 -13.50
CA VAL A 456 1.17 -11.71 -12.31
C VAL A 456 0.44 -11.13 -11.10
N LEU A 457 0.53 -11.80 -9.95
CA LEU A 457 -0.16 -11.35 -8.71
C LEU A 457 0.80 -10.46 -7.90
N SER A 458 0.77 -9.17 -8.19
CA SER A 458 1.59 -8.16 -7.50
C SER A 458 0.95 -7.78 -6.15
N ASP A 459 1.54 -6.83 -5.45
CA ASP A 459 0.99 -6.31 -4.17
C ASP A 459 1.49 -4.89 -3.90
N LEU A 460 0.79 -4.20 -3.01
CA LEU A 460 1.13 -2.83 -2.55
C LEU A 460 1.59 -2.93 -1.10
N GLY A 461 2.26 -4.05 -0.76
CA GLY A 461 2.64 -4.41 0.61
C GLY A 461 1.75 -5.50 1.17
N THR A 462 2.20 -6.20 2.22
CA THR A 462 1.38 -7.18 2.97
C THR A 462 0.53 -6.40 3.98
N LYS A 463 -0.43 -7.06 4.63
CA LYS A 463 -1.32 -6.46 5.66
C LYS A 463 -1.40 -7.38 6.86
N GLY A 464 -0.63 -8.46 6.87
CA GLY A 464 -0.47 -9.32 8.05
C GLY A 464 0.66 -8.80 8.88
N GLY A 465 0.66 -9.13 10.18
CA GLY A 465 1.71 -8.72 11.13
C GLY A 465 1.26 -8.86 12.58
N LEU A 466 1.76 -7.99 13.45
CA LEU A 466 1.59 -8.07 14.93
C LEU A 466 0.15 -7.73 15.29
N VAL A 467 -0.41 -8.46 16.25
CA VAL A 467 -1.76 -8.14 16.81
C VAL A 467 -1.60 -6.91 17.69
N THR A 468 -2.51 -5.95 17.55
CA THR A 468 -2.52 -4.66 18.29
C THR A 468 -3.92 -4.41 18.86
N ASP A 469 -4.04 -3.50 19.83
CA ASP A 469 -5.32 -3.04 20.41
C ASP A 469 -5.66 -1.70 19.77
N VAL A 470 -6.68 -1.00 20.29
CA VAL A 470 -7.20 0.24 19.64
C VAL A 470 -6.15 1.35 19.74
N ASN A 471 -5.09 1.16 20.54
CA ASN A 471 -4.07 2.20 20.80
C ASN A 471 -2.74 1.80 20.14
N GLY A 472 -2.76 0.72 19.34
CA GLY A 472 -1.58 0.24 18.61
C GLY A 472 -0.61 -0.52 19.52
N ARG A 473 -1.02 -0.88 20.74
CA ARG A 473 -0.20 -1.70 21.67
C ARG A 473 -0.09 -3.12 21.14
N VAL A 474 1.14 -3.62 20.96
CA VAL A 474 1.42 -5.01 20.50
C VAL A 474 0.99 -5.98 21.61
N LEU A 475 0.25 -7.03 21.27
CA LEU A 475 -0.33 -7.99 22.24
C LEU A 475 0.35 -9.36 22.11
N ARG A 476 0.45 -10.07 23.24
CA ARG A 476 0.89 -11.48 23.24
C ARG A 476 -0.34 -12.31 22.91
N ALA A 477 -0.14 -13.57 22.54
CA ALA A 477 -1.20 -14.55 22.24
C ALA A 477 -2.29 -14.54 23.33
N ASP A 478 -1.95 -14.21 24.59
CA ASP A 478 -2.94 -14.27 25.70
C ASP A 478 -3.84 -13.02 25.68
N GLY A 479 -3.49 -11.98 24.91
CA GLY A 479 -4.26 -10.73 24.82
C GLY A 479 -3.68 -9.59 25.65
N SER A 480 -2.63 -9.90 26.42
CA SER A 480 -1.95 -8.92 27.30
C SER A 480 -1.08 -8.01 26.43
N ALA A 481 -0.85 -6.79 26.88
CA ALA A 481 -0.04 -5.85 26.10
C ALA A 481 1.43 -5.92 26.51
N ILE A 482 2.32 -5.70 25.56
CA ILE A 482 3.79 -5.66 25.82
C ILE A 482 4.12 -4.19 26.06
N ASP A 483 4.27 -3.79 27.31
CA ASP A 483 4.53 -2.37 27.63
C ASP A 483 5.72 -1.81 26.84
N GLY A 484 5.55 -0.64 26.25
CA GLY A 484 6.62 0.06 25.52
C GLY A 484 6.62 -0.20 24.03
N LEU A 485 5.84 -1.16 23.56
CA LEU A 485 5.87 -1.47 22.11
C LEU A 485 4.53 -1.16 21.46
N TYR A 486 4.55 -0.43 20.36
CA TYR A 486 3.35 -0.08 19.58
C TYR A 486 3.65 -0.34 18.10
N ALA A 487 2.67 -0.78 17.32
CA ALA A 487 2.91 -1.01 15.89
C ALA A 487 1.74 -0.48 15.05
N ALA A 488 2.03 -0.01 13.85
CA ALA A 488 1.00 0.52 12.93
C ALA A 488 1.51 0.40 11.49
N GLY A 489 0.66 0.74 10.53
CA GLY A 489 0.91 0.42 9.12
C GLY A 489 0.93 -1.09 8.95
N ASN A 490 1.79 -1.57 8.06
CA ASN A 490 1.77 -2.98 7.57
C ASN A 490 2.63 -3.87 8.48
N THR A 491 3.14 -3.29 9.56
CA THR A 491 3.82 -3.97 10.69
C THR A 491 2.71 -4.54 11.58
N SER A 492 1.51 -3.93 11.50
CA SER A 492 0.31 -4.35 12.28
C SER A 492 -0.72 -4.95 11.33
N ALA A 493 -1.12 -6.18 11.64
CA ALA A 493 -2.27 -6.91 11.05
C ALA A 493 -3.45 -5.96 10.91
N SER A 494 -3.96 -5.82 9.67
CA SER A 494 -5.06 -4.91 9.30
C SER A 494 -6.36 -5.35 9.98
N LEU A 495 -7.09 -4.39 10.55
CA LEU A 495 -8.52 -4.56 10.93
C LEU A 495 -9.35 -4.98 9.69
N SER A 496 -8.86 -4.73 8.46
CA SER A 496 -9.62 -4.91 7.21
C SER A 496 -9.60 -6.36 6.72
N GLY A 497 -8.97 -7.29 7.43
CA GLY A 497 -8.99 -8.72 7.05
C GLY A 497 -8.74 -8.90 5.56
N ARG A 498 -9.58 -9.68 4.86
CA ARG A 498 -9.37 -10.00 3.42
C ARG A 498 -10.09 -8.96 2.52
N PHE A 499 -10.23 -7.71 2.99
CA PHE A 499 -10.99 -6.61 2.32
C PHE A 499 -10.14 -5.33 2.17
N TYR A 500 -10.14 -4.74 0.98
CA TYR A 500 -9.58 -3.40 0.67
C TYR A 500 -10.77 -2.46 0.47
N PRO A 501 -11.36 -1.94 1.57
CA PRO A 501 -12.65 -1.23 1.50
C PRO A 501 -12.74 -0.09 0.49
N GLY A 502 -11.62 0.62 0.28
CA GLY A 502 -11.63 1.82 -0.56
C GLY A 502 -10.32 2.58 -0.46
N PRO A 503 -10.12 3.62 -1.29
CA PRO A 503 -8.78 4.17 -1.53
C PRO A 503 -8.32 4.84 -0.24
N GLY A 504 -7.07 4.64 0.14
CA GLY A 504 -6.46 5.31 1.31
C GLY A 504 -6.65 4.59 2.63
N VAL A 505 -7.12 3.34 2.63
CA VAL A 505 -7.32 2.59 3.89
C VAL A 505 -5.97 2.18 4.48
N PRO A 506 -5.00 1.72 3.69
CA PRO A 506 -3.64 1.51 4.21
C PRO A 506 -3.08 2.72 4.97
N LEU A 507 -2.90 3.85 4.29
CA LEU A 507 -2.37 5.12 4.89
C LEU A 507 -3.29 5.61 6.02
N GLY A 508 -4.60 5.38 5.90
CA GLY A 508 -5.60 5.86 6.86
C GLY A 508 -5.48 5.14 8.17
N THR A 509 -5.49 3.79 8.14
CA THR A 509 -5.32 2.96 9.36
C THR A 509 -3.94 3.29 9.96
N ALA A 510 -2.91 3.28 9.10
CA ALA A 510 -1.53 3.58 9.54
C ALA A 510 -1.52 4.92 10.32
N MET A 511 -2.16 5.96 9.79
CA MET A 511 -2.04 7.32 10.36
C MET A 511 -2.84 7.38 11.67
N VAL A 512 -4.01 6.74 11.73
CA VAL A 512 -4.86 6.81 12.96
C VAL A 512 -4.16 6.05 14.10
N PHE A 513 -3.67 4.84 13.85
CA PHE A 513 -3.09 3.98 14.90
C PHE A 513 -1.68 4.46 15.30
N SER A 514 -0.90 5.01 14.36
CA SER A 514 0.36 5.71 14.67
C SER A 514 0.07 6.85 15.64
N TYR A 515 -0.94 7.67 15.34
CA TYR A 515 -1.39 8.83 16.16
C TYR A 515 -1.81 8.33 17.53
N ARG A 516 -2.61 7.26 17.57
CA ARG A 516 -3.25 6.77 18.81
C ARG A 516 -2.14 6.24 19.73
N ALA A 517 -1.17 5.53 19.14
CA ALA A 517 0.03 5.02 19.85
C ALA A 517 0.76 6.19 20.53
N ALA A 518 1.06 7.27 19.81
CA ALA A 518 1.68 8.48 20.40
C ALA A 518 0.81 9.00 21.57
N GLN A 519 -0.51 9.10 21.37
CA GLN A 519 -1.43 9.62 22.42
C GLN A 519 -1.28 8.76 23.68
N ASP A 520 -1.15 7.43 23.52
CA ASP A 520 -1.05 6.47 24.64
C ASP A 520 0.24 6.75 25.39
N MET A 521 1.32 6.95 24.63
CA MET A 521 2.70 7.19 25.11
C MET A 521 2.74 8.54 25.82
N ALA A 522 1.93 9.51 25.39
CA ALA A 522 1.80 10.82 26.08
C ALA A 522 1.16 10.63 27.46
N LYS A 523 0.30 9.62 27.64
CA LYS A 523 -0.23 9.11 28.93
C LYS A 523 -1.03 10.21 29.63
#